data_7ZK1
#
_entry.id   7ZK1
#
_cell.length_a   62.787
_cell.length_b   319.962
_cell.length_c   45.648
_cell.angle_alpha   90.000
_cell.angle_beta   90.000
_cell.angle_gamma   90.000
#
_symmetry.space_group_name_H-M   'P 21 21 2'
#
loop_
_entity.id
_entity.type
_entity.pdbx_description
1 polymer 'Cystinosin homolog'
2 polymer 'Llama derived nanobody'
3 polymer 'Synthetic nanobody (Sybody)'
4 water water
#
loop_
_entity_poly.entity_id
_entity_poly.type
_entity_poly.pdbx_seq_one_letter_code
_entity_poly.pdbx_strand_id
1 'polypeptide(L)'
;MASWNSIPLEISYEIVGWIAFASWSISFYPQLILNFRRRSVVGLNFDFVMLNLTKHSSYMIYNVCLYFSPVIQKQYFDTY
GDKEMIPVAANDVAFSIHAVVMTAVTLFQIFIYERGPQKVSRLAIGIVVVVWGFAAICFFIALPTHSWLWLISIFNSIQV
FMTCVKYIPQAKMNFTRKSTVGWSIGNILLDFTGGLANYLQMVIQSIDQNSWKNFYGNMGKTLLSLISIFFDILFMFQHY
VLYPEKKVSKSPETGEESNEPLIDSSHEHVGENLYFQ
;
A
2 'polypeptide(L)'
;QVQLVESGGGLVQAGGSLRLSCAASGRTITPISTYVMGWFRQDPGKEREFVASISWNGANTYYADSVKGRFTISRDNAKN
TVYLQMNSLKPEDTAVYYCAADPESHVRLRLGVGAYWGRGTQVTVSSA
;
B
3 'polypeptide(L)'
;QVQLVESGGGLVQAGGSLRLSCAASGFPVYRNRMHWYRQAPGKEREWVAAIESAGQETHYADSVKGRFTISRDNAKNTVY
LQMNSLKPEDTAVYYCNVKDEGWYWQTYDYWGQGTQVTVSA
;
C
#
# COMPACT_ATOMS: atom_id res chain seq x y z
N SER A 3 -5.96 12.12 21.65
CA SER A 3 -4.60 12.56 21.36
C SER A 3 -4.58 13.63 20.24
N TRP A 4 -5.50 13.54 19.29
CA TRP A 4 -5.63 14.54 18.22
C TRP A 4 -6.11 15.87 18.79
N ASN A 5 -5.30 16.94 18.69
CA ASN A 5 -5.67 18.24 19.25
C ASN A 5 -6.55 19.01 18.25
N SER A 6 -6.10 19.10 16.99
CA SER A 6 -6.79 19.88 15.98
C SER A 6 -7.63 19.03 15.07
N ILE A 7 -8.91 19.40 14.97
CA ILE A 7 -9.83 18.73 14.07
C ILE A 7 -9.38 18.95 12.62
N PRO A 8 -9.16 20.20 12.09
CA PRO A 8 -8.66 20.32 10.70
C PRO A 8 -7.41 19.51 10.43
N LEU A 9 -6.43 19.49 11.35
CA LEU A 9 -5.23 18.69 11.13
C LEU A 9 -5.55 17.22 11.10
N GLU A 10 -6.38 16.74 12.02
CA GLU A 10 -6.80 15.34 11.99
C GLU A 10 -7.52 14.96 10.69
N ILE A 11 -8.49 15.80 10.21
CA ILE A 11 -9.15 15.46 8.95
C ILE A 11 -8.14 15.52 7.82
N SER A 12 -7.24 16.52 7.77
CA SER A 12 -6.24 16.56 6.67
C SER A 12 -5.24 15.36 6.75
N TYR A 13 -5.02 14.84 7.93
CA TYR A 13 -4.22 13.65 8.15
C TYR A 13 -4.98 12.44 7.58
N GLU A 14 -6.29 12.36 7.88
CA GLU A 14 -7.15 11.27 7.42
C GLU A 14 -7.34 11.31 5.91
N ILE A 15 -7.49 12.53 5.34
CA ILE A 15 -7.60 12.69 3.89
C ILE A 15 -6.29 12.24 3.25
N VAL A 16 -5.17 12.89 3.58
CA VAL A 16 -3.86 12.52 3.04
C VAL A 16 -3.54 11.02 3.25
N GLY A 17 -4.14 10.41 4.27
CA GLY A 17 -3.98 8.99 4.55
C GLY A 17 -4.54 8.10 3.49
N TRP A 18 -5.83 8.26 3.17
CA TRP A 18 -6.49 7.45 2.13
C TRP A 18 -6.07 7.84 0.71
N ILE A 19 -5.58 9.08 0.52
CA ILE A 19 -5.02 9.52 -0.74
C ILE A 19 -3.68 8.81 -0.97
N ALA A 20 -2.91 8.51 0.09
CA ALA A 20 -1.66 7.78 -0.02
C ALA A 20 -2.00 6.31 -0.28
N PHE A 21 -2.99 5.76 0.46
CA PHE A 21 -3.46 4.38 0.27
C PHE A 21 -3.91 4.13 -1.18
N ALA A 22 -4.80 4.97 -1.74
CA ALA A 22 -5.30 4.78 -3.10
C ALA A 22 -4.18 4.76 -4.13
N SER A 23 -3.28 5.76 -4.10
CA SER A 23 -2.14 5.91 -4.99
C SER A 23 -1.22 4.72 -5.06
N TRP A 24 -1.04 4.01 -3.95
CA TRP A 24 -0.18 2.83 -3.94
C TRP A 24 -0.90 1.53 -4.11
N SER A 25 -2.22 1.49 -3.84
CA SER A 25 -2.96 0.24 -3.94
C SER A 25 -3.53 -0.03 -5.32
N ILE A 26 -3.83 1.02 -6.09
CA ILE A 26 -4.39 0.89 -7.41
C ILE A 26 -3.40 0.36 -8.43
N SER A 27 -2.09 0.55 -8.22
CA SER A 27 -1.07 0.07 -9.15
C SER A 27 -1.02 -1.45 -9.28
N PHE A 28 -1.48 -2.17 -8.25
CA PHE A 28 -1.51 -3.63 -8.22
C PHE A 28 -2.44 -4.24 -9.26
N TYR A 29 -3.51 -3.52 -9.64
CA TYR A 29 -4.54 -4.01 -10.55
C TYR A 29 -4.13 -4.13 -12.05
N PRO A 30 -3.56 -3.10 -12.73
CA PRO A 30 -3.18 -3.30 -14.15
C PRO A 30 -2.42 -4.59 -14.46
N GLN A 31 -1.43 -5.00 -13.64
CA GLN A 31 -0.69 -6.23 -13.92
C GLN A 31 -1.52 -7.47 -13.61
N LEU A 32 -2.33 -7.42 -12.55
CA LEU A 32 -3.22 -8.52 -12.15
C LEU A 32 -4.18 -8.86 -13.28
N ILE A 33 -4.79 -7.82 -13.89
CA ILE A 33 -5.78 -7.95 -14.96
C ILE A 33 -5.15 -8.46 -16.24
N LEU A 34 -3.93 -8.00 -16.53
CA LEU A 34 -3.16 -8.40 -17.69
C LEU A 34 -2.89 -9.90 -17.63
N ASN A 35 -2.44 -10.42 -16.47
CA ASN A 35 -2.20 -11.85 -16.33
C ASN A 35 -3.50 -12.64 -16.55
N PHE A 36 -4.63 -12.11 -16.08
CA PHE A 36 -5.93 -12.74 -16.24
C PHE A 36 -6.40 -12.81 -17.71
N ARG A 37 -6.34 -11.69 -18.44
CA ARG A 37 -6.76 -11.65 -19.84
C ARG A 37 -5.96 -12.64 -20.69
N ARG A 38 -4.64 -12.68 -20.43
CA ARG A 38 -3.68 -13.55 -21.10
C ARG A 38 -3.81 -15.01 -20.67
N ARG A 39 -4.06 -15.25 -19.39
CA ARG A 39 -4.01 -16.56 -18.77
C ARG A 39 -2.52 -17.08 -18.80
N SER A 40 -1.55 -16.12 -18.67
CA SER A 40 -0.12 -16.38 -18.71
C SER A 40 0.67 -15.33 -17.92
N VAL A 41 1.89 -15.68 -17.50
CA VAL A 41 2.76 -14.75 -16.79
C VAL A 41 4.17 -14.68 -17.41
N VAL A 42 4.27 -14.84 -18.75
CA VAL A 42 5.52 -14.87 -19.54
C VAL A 42 6.47 -13.72 -19.24
N GLY A 43 5.98 -12.48 -19.33
CA GLY A 43 6.82 -11.32 -19.06
C GLY A 43 7.13 -11.04 -17.59
N LEU A 44 6.49 -11.75 -16.65
CA LEU A 44 6.71 -11.51 -15.21
C LEU A 44 8.06 -11.90 -14.61
N ASN A 45 8.62 -11.06 -13.72
CA ASN A 45 9.84 -11.42 -13.00
C ASN A 45 9.33 -12.13 -11.76
N PHE A 46 9.46 -13.46 -11.73
CA PHE A 46 8.99 -14.27 -10.61
C PHE A 46 9.80 -13.97 -9.36
N ASP A 47 11.12 -13.78 -9.51
CA ASP A 47 11.99 -13.42 -8.39
C ASP A 47 11.51 -12.17 -7.64
N PHE A 48 11.04 -11.16 -8.39
CA PHE A 48 10.56 -9.94 -7.77
C PHE A 48 9.24 -10.16 -7.06
N VAL A 49 8.31 -10.94 -7.64
CA VAL A 49 7.05 -11.21 -6.93
C VAL A 49 7.28 -11.94 -5.59
N MET A 50 8.28 -12.88 -5.51
CA MET A 50 8.55 -13.56 -4.23
C MET A 50 9.25 -12.61 -3.20
N LEU A 51 10.07 -11.64 -3.67
CA LEU A 51 10.70 -10.68 -2.75
C LEU A 51 9.74 -9.59 -2.29
N ASN A 52 8.76 -9.23 -3.12
CA ASN A 52 7.74 -8.25 -2.74
C ASN A 52 6.73 -8.87 -1.77
N LEU A 53 6.57 -10.20 -1.75
CA LEU A 53 5.69 -10.86 -0.80
C LEU A 53 6.29 -10.69 0.61
N THR A 54 7.63 -10.85 0.74
CA THR A 54 8.34 -10.69 2.01
C THR A 54 8.28 -9.23 2.47
N LYS A 55 8.45 -8.27 1.54
CA LYS A 55 8.36 -6.83 1.86
C LYS A 55 6.97 -6.48 2.34
N HIS A 56 5.95 -7.01 1.68
CA HIS A 56 4.58 -6.72 2.07
C HIS A 56 4.15 -7.38 3.35
N SER A 57 4.54 -8.64 3.58
CA SER A 57 4.13 -9.36 4.79
C SER A 57 4.83 -8.83 6.04
N SER A 58 6.08 -8.35 5.90
CA SER A 58 6.83 -7.77 7.01
C SER A 58 6.29 -6.44 7.44
N TYR A 59 5.90 -5.62 6.48
CA TYR A 59 5.29 -4.33 6.76
C TYR A 59 3.90 -4.60 7.38
N MET A 60 3.15 -5.61 6.84
CA MET A 60 1.84 -6.05 7.32
C MET A 60 1.87 -6.54 8.78
N ILE A 61 2.97 -7.25 9.17
CA ILE A 61 3.15 -7.75 10.52
C ILE A 61 3.25 -6.55 11.47
N TYR A 62 4.14 -5.60 11.16
CA TYR A 62 4.32 -4.40 11.96
C TYR A 62 3.03 -3.59 12.07
N ASN A 63 2.37 -3.27 10.95
CA ASN A 63 1.15 -2.44 11.00
C ASN A 63 0.00 -3.09 11.74
N VAL A 64 -0.28 -4.37 11.44
CA VAL A 64 -1.39 -5.06 12.12
C VAL A 64 -1.14 -5.20 13.62
N CYS A 65 0.09 -5.52 14.01
CA CYS A 65 0.39 -5.70 15.43
C CYS A 65 0.37 -4.40 16.23
N LEU A 66 1.01 -3.33 15.74
CA LEU A 66 1.03 -2.06 16.45
C LEU A 66 -0.37 -1.46 16.51
N TYR A 67 -1.14 -1.58 15.43
CA TYR A 67 -2.48 -0.99 15.41
C TYR A 67 -3.47 -1.70 16.30
N PHE A 68 -3.40 -3.05 16.37
CA PHE A 68 -4.40 -3.77 17.14
C PHE A 68 -3.97 -4.27 18.52
N SER A 69 -2.67 -4.47 18.79
CA SER A 69 -2.26 -4.96 20.11
C SER A 69 -2.02 -3.88 21.16
N PRO A 70 -2.74 -3.97 22.29
CA PRO A 70 -2.49 -3.03 23.38
C PRO A 70 -1.21 -3.38 24.13
N VAL A 71 -0.82 -4.66 24.14
CA VAL A 71 0.41 -5.11 24.77
C VAL A 71 1.61 -4.45 24.06
N ILE A 72 1.60 -4.48 22.72
CA ILE A 72 2.66 -3.88 21.91
C ILE A 72 2.62 -2.36 21.99
N GLN A 73 1.41 -1.76 21.93
CA GLN A 73 1.21 -0.32 22.08
C GLN A 73 1.79 0.16 23.43
N LYS A 74 1.55 -0.58 24.53
CA LYS A 74 2.10 -0.19 25.83
C LYS A 74 3.61 -0.19 25.85
N GLN A 75 4.26 -1.09 25.06
CA GLN A 75 5.72 -1.14 24.92
C GLN A 75 6.22 0.05 24.08
N TYR A 76 5.37 0.60 23.18
CA TYR A 76 5.68 1.78 22.37
C TYR A 76 5.72 3.01 23.28
N PHE A 77 4.81 3.09 24.26
CA PHE A 77 4.77 4.20 25.21
C PHE A 77 5.88 4.09 26.24
N ASP A 78 6.16 2.85 26.69
CA ASP A 78 7.27 2.57 27.61
C ASP A 78 8.61 3.03 26.95
N THR A 79 8.71 2.91 25.61
CA THR A 79 9.84 3.28 24.75
C THR A 79 9.93 4.80 24.35
N TYR A 80 9.02 5.30 23.49
CA TYR A 80 9.06 6.64 22.92
C TYR A 80 8.41 7.71 23.79
N GLY A 81 7.63 7.33 24.79
CA GLY A 81 7.00 8.30 25.69
C GLY A 81 5.53 8.03 25.92
N ASP A 82 5.05 8.30 27.13
CA ASP A 82 3.66 8.09 27.53
C ASP A 82 2.70 8.95 26.72
N LYS A 83 3.11 10.18 26.42
CA LYS A 83 2.23 11.11 25.72
C LYS A 83 2.47 11.08 24.22
N GLU A 84 2.72 9.87 23.68
CA GLU A 84 3.03 9.66 22.26
C GLU A 84 1.90 9.08 21.46
N MET A 85 1.64 9.62 20.26
CA MET A 85 0.59 9.08 19.40
C MET A 85 1.17 7.87 18.63
N ILE A 86 0.38 6.79 18.50
CA ILE A 86 0.79 5.60 17.77
C ILE A 86 0.94 5.98 16.29
N PRO A 87 2.09 5.63 15.68
CA PRO A 87 2.38 6.10 14.33
C PRO A 87 1.82 5.22 13.18
N VAL A 88 1.01 4.21 13.50
CA VAL A 88 0.33 3.37 12.51
C VAL A 88 -1.09 3.92 12.22
N ALA A 89 -1.45 4.09 10.96
CA ALA A 89 -2.76 4.63 10.59
C ALA A 89 -3.71 3.52 10.08
N ALA A 90 -5.03 3.79 9.99
CA ALA A 90 -5.99 2.82 9.44
C ALA A 90 -5.63 2.48 7.98
N ASN A 91 -5.20 3.50 7.22
CA ASN A 91 -4.80 3.38 5.82
C ASN A 91 -3.48 2.63 5.65
N ASP A 92 -2.59 2.64 6.66
CA ASP A 92 -1.35 1.85 6.59
C ASP A 92 -1.70 0.38 6.80
N VAL A 93 -2.63 0.08 7.72
CA VAL A 93 -3.11 -1.27 7.97
C VAL A 93 -3.83 -1.77 6.73
N ALA A 94 -4.73 -0.94 6.17
CA ALA A 94 -5.47 -1.28 4.97
C ALA A 94 -4.51 -1.52 3.81
N PHE A 95 -3.52 -0.65 3.62
CA PHE A 95 -2.53 -0.82 2.58
C PHE A 95 -1.78 -2.12 2.73
N SER A 96 -1.19 -2.40 3.89
CA SER A 96 -0.43 -3.63 4.08
C SER A 96 -1.23 -4.90 3.82
N ILE A 97 -2.51 -4.94 4.21
CA ILE A 97 -3.34 -6.13 4.02
C ILE A 97 -3.71 -6.27 2.56
N HIS A 98 -4.13 -5.16 1.94
CA HIS A 98 -4.47 -5.14 0.54
C HIS A 98 -3.28 -5.55 -0.33
N ALA A 99 -2.07 -5.06 -0.02
CA ALA A 99 -0.85 -5.40 -0.75
C ALA A 99 -0.47 -6.88 -0.58
N VAL A 100 -0.71 -7.45 0.59
CA VAL A 100 -0.42 -8.86 0.85
C VAL A 100 -1.40 -9.73 0.05
N VAL A 101 -2.70 -9.34 0.06
CA VAL A 101 -3.74 -10.06 -0.69
C VAL A 101 -3.41 -10.03 -2.18
N MET A 102 -3.14 -8.84 -2.74
CA MET A 102 -2.83 -8.70 -4.14
C MET A 102 -1.57 -9.42 -4.53
N THR A 103 -0.53 -9.40 -3.68
CA THR A 103 0.69 -10.16 -4.01
C THR A 103 0.43 -11.67 -3.96
N ALA A 104 -0.40 -12.13 -3.01
CA ALA A 104 -0.77 -13.55 -2.98
C ALA A 104 -1.57 -13.91 -4.25
N VAL A 105 -2.50 -13.04 -4.72
CA VAL A 105 -3.26 -13.32 -5.93
C VAL A 105 -2.36 -13.43 -7.15
N THR A 106 -1.37 -12.51 -7.33
CA THR A 106 -0.46 -12.62 -8.47
C THR A 106 0.42 -13.89 -8.32
N LEU A 107 0.82 -14.24 -7.10
CA LEU A 107 1.58 -15.47 -6.86
C LEU A 107 0.73 -16.69 -7.22
N PHE A 108 -0.58 -16.65 -6.93
CA PHE A 108 -1.51 -17.72 -7.30
C PHE A 108 -1.65 -17.81 -8.84
N GLN A 109 -1.71 -16.64 -9.52
CA GLN A 109 -1.78 -16.53 -10.98
C GLN A 109 -0.56 -17.15 -11.63
N ILE A 110 0.62 -16.98 -11.03
CA ILE A 110 1.85 -17.61 -11.53
C ILE A 110 1.72 -19.13 -11.46
N PHE A 111 1.06 -19.67 -10.43
CA PHE A 111 0.90 -21.11 -10.28
C PHE A 111 -0.21 -21.71 -11.14
N ILE A 112 -1.41 -21.10 -11.16
CA ILE A 112 -2.53 -21.64 -11.90
C ILE A 112 -2.45 -21.34 -13.41
N TYR A 113 -2.05 -20.12 -13.80
CA TYR A 113 -1.90 -19.78 -15.23
C TYR A 113 -0.66 -20.30 -15.85
N GLU A 114 0.36 -20.64 -15.02
CA GLU A 114 1.73 -21.04 -15.39
C GLU A 114 2.15 -20.25 -16.67
N ARG A 115 2.52 -20.87 -17.79
CA ARG A 115 2.89 -20.06 -18.98
C ARG A 115 4.04 -19.08 -18.63
N GLY A 116 4.97 -19.54 -17.79
CA GLY A 116 6.13 -18.71 -17.45
C GLY A 116 7.38 -19.58 -17.35
N PRO A 117 7.75 -20.33 -18.40
CA PRO A 117 8.89 -21.25 -18.32
C PRO A 117 10.01 -20.52 -17.60
N GLN A 118 10.26 -19.26 -17.97
CA GLN A 118 11.27 -18.43 -17.27
C GLN A 118 10.93 -18.51 -15.76
N LYS A 119 11.52 -19.48 -15.05
CA LYS A 119 11.23 -19.66 -13.61
C LYS A 119 11.90 -18.53 -12.84
N VAL A 120 13.08 -18.12 -13.30
CA VAL A 120 13.79 -16.98 -12.66
C VAL A 120 14.34 -17.40 -11.28
N SER A 121 13.49 -18.09 -10.53
CA SER A 121 13.68 -18.58 -9.18
C SER A 121 15.07 -19.17 -8.94
N ARG A 122 15.92 -18.33 -8.31
CA ARG A 122 17.30 -18.55 -7.84
C ARG A 122 17.94 -17.27 -7.37
N LEU A 123 18.82 -17.37 -6.32
CA LEU A 123 19.53 -16.30 -5.60
C LEU A 123 18.52 -15.55 -4.75
N ALA A 124 17.39 -15.15 -5.36
CA ALA A 124 16.25 -14.51 -4.70
C ALA A 124 15.55 -15.48 -3.75
N ILE A 125 15.61 -16.80 -4.04
CA ILE A 125 15.06 -17.80 -3.12
C ILE A 125 15.95 -17.87 -1.86
N GLY A 126 17.27 -17.76 -2.04
CA GLY A 126 18.22 -17.72 -0.93
C GLY A 126 18.03 -16.50 -0.06
N ILE A 127 17.62 -15.38 -0.65
CA ILE A 127 17.35 -14.15 0.10
C ILE A 127 16.10 -14.37 0.96
N VAL A 128 15.04 -14.98 0.43
CA VAL A 128 13.85 -15.27 1.23
C VAL A 128 14.19 -16.22 2.40
N VAL A 129 15.04 -17.21 2.15
CA VAL A 129 15.49 -18.13 3.19
C VAL A 129 16.27 -17.34 4.27
N VAL A 130 17.25 -16.54 3.86
CA VAL A 130 18.04 -15.72 4.79
C VAL A 130 17.18 -14.74 5.60
N VAL A 131 16.28 -14.01 4.94
CA VAL A 131 15.36 -13.08 5.59
C VAL A 131 14.45 -13.77 6.60
N TRP A 132 13.68 -14.79 6.16
CA TRP A 132 12.78 -15.49 7.08
C TRP A 132 13.49 -16.30 8.16
N GLY A 133 14.72 -16.74 7.87
CA GLY A 133 15.57 -17.43 8.82
C GLY A 133 16.01 -16.48 9.91
N PHE A 134 16.57 -15.33 9.52
CA PHE A 134 16.98 -14.29 10.47
C PHE A 134 15.76 -13.79 11.28
N ALA A 135 14.57 -13.74 10.68
CA ALA A 135 13.36 -13.36 11.42
C ALA A 135 12.91 -14.48 12.37
N ALA A 136 13.20 -15.75 12.06
CA ALA A 136 12.84 -16.85 12.95
C ALA A 136 13.73 -16.78 14.17
N ILE A 137 15.05 -16.54 14.01
CA ILE A 137 15.99 -16.39 15.13
C ILE A 137 15.51 -15.24 16.04
N CYS A 138 15.10 -14.13 15.40
CA CYS A 138 14.59 -12.95 16.06
C CYS A 138 13.33 -13.25 16.85
N PHE A 139 12.48 -14.15 16.34
CA PHE A 139 11.27 -14.54 17.05
C PHE A 139 11.64 -15.25 18.36
N PHE A 140 12.55 -16.22 18.30
CA PHE A 140 12.94 -16.95 19.50
C PHE A 140 13.71 -16.09 20.51
N ILE A 141 14.38 -15.03 20.06
CA ILE A 141 15.07 -14.10 20.97
C ILE A 141 14.00 -13.30 21.70
N ALA A 142 13.03 -12.72 20.97
CA ALA A 142 11.95 -11.89 21.49
C ALA A 142 10.94 -12.58 22.43
N LEU A 143 10.65 -13.85 22.18
CA LEU A 143 9.68 -14.68 22.90
C LEU A 143 9.77 -14.74 24.48
N PRO A 144 10.90 -15.06 25.15
CA PRO A 144 10.86 -15.16 26.63
C PRO A 144 10.45 -13.88 27.35
N THR A 145 10.88 -12.77 26.79
CA THR A 145 10.58 -11.46 27.35
C THR A 145 9.33 -10.82 26.71
N HIS A 146 8.77 -11.42 25.64
CA HIS A 146 7.63 -10.92 24.87
C HIS A 146 7.92 -9.52 24.37
N SER A 147 9.09 -9.37 23.73
CA SER A 147 9.58 -8.11 23.20
C SER A 147 9.01 -7.92 21.81
N TRP A 148 7.68 -7.99 21.73
CA TRP A 148 6.99 -7.87 20.46
C TRP A 148 7.21 -6.54 19.78
N LEU A 149 7.54 -5.46 20.51
CA LEU A 149 7.85 -4.20 19.85
C LEU A 149 9.20 -4.29 19.15
N TRP A 150 10.19 -4.97 19.75
CA TRP A 150 11.48 -5.12 19.11
C TRP A 150 11.37 -6.05 17.88
N LEU A 151 10.54 -7.12 17.98
CA LEU A 151 10.34 -8.07 16.90
C LEU A 151 9.60 -7.43 15.73
N ILE A 152 8.46 -6.75 15.99
CA ILE A 152 7.69 -5.96 15.01
C ILE A 152 8.66 -4.95 14.32
N SER A 153 9.58 -4.34 15.09
CA SER A 153 10.57 -3.36 14.64
C SER A 153 11.60 -3.95 13.70
N ILE A 154 11.87 -5.25 13.82
CA ILE A 154 12.78 -5.94 12.91
C ILE A 154 12.08 -6.14 11.58
N PHE A 155 10.81 -6.57 11.60
CA PHE A 155 9.96 -6.69 10.43
C PHE A 155 9.90 -5.37 9.63
N ASN A 156 9.74 -4.25 10.32
CA ASN A 156 9.70 -2.94 9.68
C ASN A 156 11.07 -2.54 9.11
N SER A 157 12.17 -3.01 9.72
CA SER A 157 13.51 -2.73 9.21
C SER A 157 13.80 -3.59 7.99
N ILE A 158 13.37 -4.87 8.01
CA ILE A 158 13.57 -5.73 6.85
C ILE A 158 12.68 -5.29 5.69
N GLN A 159 11.50 -4.63 5.97
CA GLN A 159 10.65 -4.04 4.94
C GLN A 159 11.47 -2.93 4.25
N VAL A 160 12.16 -2.08 5.03
CA VAL A 160 13.04 -1.03 4.47
C VAL A 160 14.06 -1.61 3.50
N PHE A 161 14.84 -2.65 3.94
CA PHE A 161 15.81 -3.34 3.07
C PHE A 161 15.13 -3.84 1.77
N MET A 162 13.92 -4.35 1.91
CA MET A 162 13.14 -4.87 0.82
C MET A 162 12.59 -3.81 -0.12
N THR A 163 12.47 -2.57 0.33
CA THR A 163 12.09 -1.46 -0.56
C THR A 163 13.31 -1.14 -1.47
N CYS A 164 14.54 -1.21 -0.89
CA CYS A 164 15.78 -1.03 -1.65
C CYS A 164 15.88 -2.12 -2.73
N VAL A 165 15.49 -3.36 -2.38
CA VAL A 165 15.46 -4.52 -3.27
C VAL A 165 14.46 -4.33 -4.44
N LYS A 166 13.42 -3.51 -4.25
CA LYS A 166 12.45 -3.23 -5.29
C LYS A 166 13.08 -2.25 -6.29
N TYR A 167 13.61 -1.14 -5.78
CA TYR A 167 14.15 -0.04 -6.60
C TYR A 167 15.56 -0.24 -7.20
N ILE A 168 16.56 -0.60 -6.40
CA ILE A 168 17.94 -0.73 -6.84
C ILE A 168 18.14 -1.62 -8.09
N PRO A 169 17.61 -2.85 -8.23
CA PRO A 169 17.88 -3.64 -9.46
C PRO A 169 17.26 -3.02 -10.72
N GLN A 170 16.14 -2.35 -10.58
CA GLN A 170 15.49 -1.70 -11.69
C GLN A 170 16.18 -0.40 -12.10
N ALA A 171 16.82 0.32 -11.18
CA ALA A 171 17.59 1.52 -11.54
C ALA A 171 18.91 1.09 -12.15
N LYS A 172 19.55 0.01 -11.60
CA LYS A 172 20.81 -0.58 -12.07
C LYS A 172 20.66 -1.07 -13.51
N MET A 173 19.51 -1.69 -13.82
CA MET A 173 19.17 -2.18 -15.15
C MET A 173 19.18 -1.03 -16.13
N ASN A 174 18.62 0.11 -15.74
CA ASN A 174 18.53 1.29 -16.60
C ASN A 174 19.90 1.92 -16.84
N PHE A 175 20.84 1.81 -15.88
CA PHE A 175 22.20 2.37 -16.01
C PHE A 175 23.06 1.56 -16.96
N THR A 176 22.98 0.22 -16.87
CA THR A 176 23.74 -0.64 -17.77
C THR A 176 23.10 -0.54 -19.15
N ARG A 177 21.77 -0.67 -19.21
CA ARG A 177 20.96 -0.59 -20.43
C ARG A 177 21.08 0.75 -21.14
N LYS A 178 21.42 1.81 -20.41
CA LYS A 178 21.55 3.16 -20.95
C LYS A 178 20.24 3.63 -21.62
N SER A 179 19.13 3.29 -20.97
CA SER A 179 17.78 3.64 -21.40
C SER A 179 16.78 3.35 -20.26
N THR A 180 15.58 3.95 -20.34
CA THR A 180 14.54 3.71 -19.37
C THR A 180 13.44 2.90 -20.05
N VAL A 181 13.55 1.57 -20.02
CA VAL A 181 12.57 0.73 -20.72
C VAL A 181 11.52 0.17 -19.77
N GLY A 182 10.30 0.56 -20.03
CA GLY A 182 9.13 0.25 -19.21
C GLY A 182 8.60 1.46 -18.46
N TRP A 183 9.12 2.65 -18.80
CA TRP A 183 8.78 3.96 -18.28
C TRP A 183 7.28 4.24 -18.48
N SER A 184 6.64 4.78 -17.46
CA SER A 184 5.24 5.14 -17.51
C SER A 184 4.99 6.28 -16.59
N ILE A 185 4.87 7.47 -17.17
CA ILE A 185 4.54 8.69 -16.42
C ILE A 185 3.05 8.51 -16.16
N GLY A 186 2.76 8.08 -14.94
CA GLY A 186 1.42 7.70 -14.55
C GLY A 186 1.61 6.78 -13.38
N ASN A 187 2.30 5.64 -13.62
CA ASN A 187 2.67 4.71 -12.55
C ASN A 187 3.76 5.32 -11.67
N ILE A 188 4.67 6.11 -12.26
CA ILE A 188 5.71 6.79 -11.49
C ILE A 188 5.07 7.90 -10.64
N LEU A 189 4.09 8.60 -11.21
CA LEU A 189 3.38 9.64 -10.50
C LEU A 189 2.48 9.08 -9.40
N LEU A 190 1.94 7.86 -9.57
CA LEU A 190 1.14 7.24 -8.51
C LEU A 190 2.01 6.82 -7.35
N ASP A 191 3.20 6.27 -7.64
CA ASP A 191 4.16 5.89 -6.61
C ASP A 191 4.66 7.16 -5.90
N PHE A 192 4.92 8.22 -6.68
CA PHE A 192 5.35 9.50 -6.16
C PHE A 192 4.30 10.08 -5.21
N THR A 193 3.02 10.17 -5.62
CA THR A 193 1.96 10.69 -4.76
C THR A 193 1.87 9.90 -3.45
N GLY A 194 1.85 8.58 -3.53
CA GLY A 194 1.82 7.76 -2.32
C GLY A 194 2.99 8.01 -1.36
N GLY A 195 4.16 8.34 -1.90
CA GLY A 195 5.38 8.62 -1.12
C GLY A 195 5.34 9.98 -0.46
N LEU A 196 4.86 11.00 -1.21
CA LEU A 196 4.71 12.35 -0.65
C LEU A 196 3.58 12.36 0.37
N ALA A 197 2.46 11.70 0.07
CA ALA A 197 1.32 11.66 0.97
C ALA A 197 1.61 10.85 2.21
N ASN A 198 2.41 9.77 2.10
CA ASN A 198 2.76 9.01 3.30
C ASN A 198 3.68 9.82 4.24
N TYR A 199 4.48 10.76 3.67
CA TYR A 199 5.34 11.67 4.44
C TYR A 199 4.53 12.86 5.00
N LEU A 200 3.62 13.43 4.21
CA LEU A 200 2.73 14.50 4.64
C LEU A 200 1.88 14.05 5.82
N GLN A 201 1.47 12.77 5.85
CA GLN A 201 0.71 12.23 6.97
C GLN A 201 1.53 12.31 8.28
N MET A 202 2.78 11.81 8.26
CA MET A 202 3.64 11.88 9.44
C MET A 202 3.91 13.34 9.81
N VAL A 203 4.23 14.19 8.83
CA VAL A 203 4.44 15.62 9.10
C VAL A 203 3.19 16.25 9.80
N ILE A 204 1.95 15.89 9.39
CA ILE A 204 0.73 16.40 10.07
C ILE A 204 0.63 15.89 11.52
N GLN A 205 0.85 14.58 11.75
CA GLN A 205 0.83 13.98 13.10
C GLN A 205 1.90 14.65 13.99
N SER A 206 3.05 14.97 13.41
CA SER A 206 4.14 15.65 14.07
C SER A 206 3.88 17.12 14.38
N ILE A 207 3.24 17.88 13.47
CA ILE A 207 2.95 19.29 13.76
C ILE A 207 1.68 19.42 14.64
N ASP A 208 0.75 18.42 14.64
CA ASP A 208 -0.41 18.49 15.57
C ASP A 208 0.08 18.40 16.99
N GLN A 209 0.78 17.31 17.33
CA GLN A 209 1.46 17.19 18.62
C GLN A 209 2.75 18.01 18.44
N ASN A 210 3.43 18.40 19.53
CA ASN A 210 4.69 19.13 19.31
C ASN A 210 5.86 18.14 19.35
N SER A 211 5.73 16.99 18.62
CA SER A 211 6.76 15.95 18.62
C SER A 211 7.09 15.26 17.27
N TRP A 212 8.39 14.93 17.06
CA TRP A 212 8.92 14.20 15.89
C TRP A 212 9.24 12.74 16.26
N LYS A 213 8.73 12.23 17.40
CA LYS A 213 9.04 10.85 17.81
C LYS A 213 8.32 9.80 16.92
N ASN A 214 7.25 10.19 16.20
CA ASN A 214 6.56 9.28 15.30
C ASN A 214 7.46 8.88 14.11
N PHE A 215 8.37 9.80 13.67
CA PHE A 215 9.37 9.59 12.61
C PHE A 215 10.49 8.61 13.01
N TYR A 216 10.63 8.35 14.31
CA TYR A 216 11.60 7.47 14.95
C TYR A 216 10.95 6.15 15.38
N GLY A 217 9.69 6.22 15.81
CA GLY A 217 8.88 5.08 16.18
C GLY A 217 8.56 4.29 14.92
N ASN A 218 8.09 4.99 13.87
CA ASN A 218 7.81 4.35 12.58
C ASN A 218 8.83 4.78 11.55
N MET A 219 10.11 4.50 11.84
CA MET A 219 11.26 4.76 10.97
C MET A 219 11.10 4.01 9.63
N GLY A 220 10.47 2.83 9.69
CA GLY A 220 10.22 2.01 8.52
C GLY A 220 9.27 2.60 7.53
N LYS A 221 8.29 3.38 8.00
CA LYS A 221 7.34 4.05 7.10
C LYS A 221 8.01 5.34 6.58
N THR A 222 8.79 6.01 7.42
CA THR A 222 9.55 7.20 7.05
C THR A 222 10.52 6.88 5.91
N LEU A 223 11.26 5.74 6.02
CA LEU A 223 12.21 5.32 4.98
C LEU A 223 11.50 4.74 3.75
N LEU A 224 10.32 4.14 3.94
CA LEU A 224 9.53 3.64 2.83
C LEU A 224 9.12 4.81 1.91
N SER A 225 8.80 5.98 2.47
CA SER A 225 8.44 7.15 1.68
C SER A 225 9.68 7.79 1.05
N LEU A 226 10.77 7.91 1.81
CA LEU A 226 11.97 8.56 1.31
C LEU A 226 12.70 7.76 0.28
N ILE A 227 12.68 6.43 0.37
CA ILE A 227 13.30 5.59 -0.66
C ILE A 227 12.44 5.62 -1.91
N SER A 228 11.10 5.73 -1.78
CA SER A 228 10.24 5.82 -2.95
C SER A 228 10.45 7.16 -3.66
N ILE A 229 10.42 8.27 -2.91
CA ILE A 229 10.61 9.63 -3.47
C ILE A 229 11.99 9.80 -4.15
N PHE A 230 13.09 9.32 -3.49
CA PHE A 230 14.44 9.40 -4.01
C PHE A 230 14.54 8.67 -5.34
N PHE A 231 14.01 7.43 -5.40
CA PHE A 231 14.10 6.67 -6.63
C PHE A 231 13.20 7.18 -7.70
N ASP A 232 12.05 7.80 -7.38
CA ASP A 232 11.21 8.38 -8.44
C ASP A 232 11.90 9.59 -9.04
N ILE A 233 12.58 10.41 -8.21
CA ILE A 233 13.35 11.54 -8.72
C ILE A 233 14.50 11.00 -9.59
N LEU A 234 15.17 9.93 -9.16
CA LEU A 234 16.24 9.33 -9.94
C LEU A 234 15.75 8.73 -11.27
N PHE A 235 14.57 8.10 -11.28
CA PHE A 235 14.02 7.52 -12.51
C PHE A 235 13.64 8.65 -13.44
N MET A 236 12.96 9.68 -12.94
CA MET A 236 12.59 10.85 -13.76
C MET A 236 13.86 11.58 -14.27
N PHE A 237 14.92 11.58 -13.45
CA PHE A 237 16.22 12.16 -13.79
C PHE A 237 16.87 11.40 -14.94
N GLN A 238 16.94 10.05 -14.88
CA GLN A 238 17.56 9.30 -15.99
C GLN A 238 16.67 9.16 -17.24
N HIS A 239 15.38 9.50 -17.13
CA HIS A 239 14.47 9.43 -18.26
C HIS A 239 14.52 10.68 -19.10
N TYR A 240 14.60 11.83 -18.46
CA TYR A 240 14.59 13.10 -19.18
C TYR A 240 15.97 13.69 -19.38
N VAL A 241 16.83 13.62 -18.37
CA VAL A 241 18.16 14.20 -18.47
C VAL A 241 19.23 13.15 -18.14
N LEU A 242 19.51 12.29 -19.13
CA LEU A 242 20.48 11.21 -19.09
C LEU A 242 20.26 10.29 -20.31
N TYR A 243 19.08 9.60 -20.40
CA TYR A 243 18.76 8.68 -21.48
C TYR A 243 17.38 9.00 -22.11
N PRO A 244 17.22 10.15 -22.81
CA PRO A 244 15.90 10.51 -23.36
C PRO A 244 15.62 10.06 -24.82
N GLU A 245 16.39 10.52 -25.82
CA GLU A 245 16.20 10.18 -27.24
C GLU A 245 14.86 10.71 -27.82
N GLN B 1 -14.24 1.13 30.70
CA GLN B 1 -12.85 1.20 31.15
C GLN B 1 -12.60 2.50 31.90
N VAL B 2 -13.16 3.61 31.38
CA VAL B 2 -13.01 4.95 31.96
C VAL B 2 -14.37 5.51 32.39
N GLN B 3 -14.51 5.91 33.67
CA GLN B 3 -15.75 6.49 34.17
C GLN B 3 -15.69 7.99 34.22
N LEU B 4 -16.76 8.64 33.80
CA LEU B 4 -16.86 10.09 33.72
C LEU B 4 -17.98 10.55 34.64
N VAL B 5 -17.65 11.39 35.63
CA VAL B 5 -18.65 11.86 36.57
C VAL B 5 -18.85 13.36 36.52
N GLU B 6 -20.04 13.78 36.11
CA GLU B 6 -20.38 15.19 36.02
C GLU B 6 -20.85 15.72 37.34
N SER B 7 -20.04 16.59 37.92
CA SER B 7 -20.30 17.21 39.21
C SER B 7 -20.88 18.61 38.97
N GLY B 8 -21.83 18.70 38.06
CA GLY B 8 -22.44 19.96 37.67
C GLY B 8 -23.53 20.46 38.60
N GLY B 9 -24.19 21.54 38.19
CA GLY B 9 -25.26 22.15 38.99
C GLY B 9 -26.65 21.77 38.55
N GLY B 10 -27.63 22.54 38.98
CA GLY B 10 -29.03 22.25 38.65
C GLY B 10 -29.83 23.37 38.00
N LEU B 11 -30.60 24.12 38.82
CA LEU B 11 -31.50 25.19 38.35
C LEU B 11 -31.00 26.60 38.50
N VAL B 12 -30.96 27.32 37.37
CA VAL B 12 -30.57 28.73 37.25
C VAL B 12 -31.64 29.50 36.40
N GLN B 13 -31.56 30.83 36.35
CA GLN B 13 -32.53 31.64 35.61
C GLN B 13 -32.00 32.13 34.27
N ALA B 14 -32.92 32.58 33.39
CA ALA B 14 -32.61 33.12 32.06
C ALA B 14 -31.65 34.29 32.19
N GLY B 15 -30.48 34.13 31.60
CA GLY B 15 -29.40 35.12 31.67
C GLY B 15 -28.49 34.91 32.86
N GLY B 16 -28.40 33.66 33.33
CA GLY B 16 -27.55 33.28 34.46
C GLY B 16 -26.22 32.68 34.06
N SER B 17 -25.35 32.39 35.04
CA SER B 17 -24.02 31.84 34.73
C SER B 17 -23.73 30.54 35.51
N LEU B 18 -24.01 29.36 34.93
CA LEU B 18 -23.78 28.09 35.63
C LEU B 18 -22.40 27.47 35.30
N ARG B 19 -21.94 26.46 36.06
CA ARG B 19 -20.62 25.87 35.83
C ARG B 19 -20.52 24.37 36.14
N LEU B 20 -20.43 23.56 35.06
CA LEU B 20 -20.34 22.10 35.16
C LEU B 20 -18.89 21.61 35.27
N SER B 21 -18.70 20.44 35.89
CA SER B 21 -17.38 19.85 36.05
C SER B 21 -17.45 18.39 35.61
N CYS B 22 -16.29 17.76 35.32
CA CYS B 22 -16.29 16.36 34.93
C CYS B 22 -14.98 15.64 35.27
N ALA B 23 -14.99 14.79 36.29
CA ALA B 23 -13.80 14.02 36.66
C ALA B 23 -13.70 12.77 35.83
N ALA B 24 -12.49 12.38 35.42
CA ALA B 24 -12.29 11.15 34.65
C ALA B 24 -11.47 10.13 35.47
N SER B 25 -11.95 8.88 35.57
CA SER B 25 -11.28 7.85 36.36
C SER B 25 -11.14 6.52 35.62
N GLY B 26 -10.18 5.70 36.04
CA GLY B 26 -9.97 4.40 35.41
C GLY B 26 -8.53 4.17 35.00
N ARG B 27 -8.16 2.90 34.88
CA ARG B 27 -6.81 2.46 34.53
C ARG B 27 -6.70 2.23 33.02
N THR B 28 -5.81 2.97 32.33
CA THR B 28 -5.70 2.86 30.87
C THR B 28 -4.24 2.90 30.38
N ILE B 29 -3.98 2.37 29.16
CA ILE B 29 -2.64 2.41 28.57
C ILE B 29 -2.23 3.86 28.22
N THR B 30 -3.23 4.72 27.87
CA THR B 30 -2.99 6.14 27.62
C THR B 30 -3.18 6.98 28.93
N PRO B 31 -2.44 8.09 29.06
CA PRO B 31 -2.43 8.87 30.30
C PRO B 31 -3.72 9.49 30.81
N ILE B 32 -4.85 9.47 30.07
CA ILE B 32 -6.14 10.06 30.50
C ILE B 32 -6.08 11.61 30.41
N SER B 33 -4.91 12.20 30.69
CA SER B 33 -4.66 13.63 30.50
C SER B 33 -4.56 13.94 28.99
N THR B 34 -4.10 12.97 28.19
CA THR B 34 -4.01 13.10 26.73
C THR B 34 -5.32 12.67 26.04
N TYR B 35 -6.42 12.64 26.76
CA TYR B 35 -7.65 12.04 26.31
C TYR B 35 -8.74 12.87 25.63
N VAL B 36 -8.57 14.14 25.17
CA VAL B 36 -9.68 14.84 24.47
C VAL B 36 -11.06 14.77 25.24
N MET B 37 -11.58 15.90 25.76
CA MET B 37 -12.86 15.85 26.49
C MET B 37 -13.87 16.86 25.94
N GLY B 38 -15.13 16.69 26.32
CA GLY B 38 -16.17 17.58 25.84
C GLY B 38 -17.53 17.44 26.47
N TRP B 39 -18.49 18.21 25.95
CA TRP B 39 -19.85 18.26 26.45
C TRP B 39 -20.86 18.13 25.32
N PHE B 40 -22.01 17.51 25.62
CA PHE B 40 -23.16 17.27 24.75
C PHE B 40 -24.45 17.50 25.56
N ARG B 41 -25.53 18.02 24.95
CA ARG B 41 -26.79 18.16 25.69
C ARG B 41 -27.91 17.29 25.05
N GLN B 42 -28.77 16.65 25.87
CA GLN B 42 -29.78 15.73 25.32
C GLN B 42 -31.10 16.37 24.92
N ASP B 43 -31.84 16.97 25.89
CA ASP B 43 -33.13 17.64 25.62
C ASP B 43 -34.32 16.67 25.37
N PRO B 44 -35.45 16.89 26.08
CA PRO B 44 -36.63 16.01 25.92
C PRO B 44 -37.07 15.67 24.50
N GLY B 45 -36.77 14.45 24.07
CA GLY B 45 -37.15 13.99 22.74
C GLY B 45 -36.03 14.01 21.72
N LYS B 46 -35.38 15.18 21.55
CA LYS B 46 -34.30 15.38 20.58
C LYS B 46 -33.01 14.63 20.92
N GLU B 47 -32.27 14.20 19.88
CA GLU B 47 -31.02 13.43 19.98
C GLU B 47 -29.84 14.26 20.51
N ARG B 48 -28.74 13.57 20.89
CA ARG B 48 -27.51 14.15 21.45
C ARG B 48 -26.88 15.24 20.57
N GLU B 49 -26.99 16.49 21.01
CA GLU B 49 -26.47 17.65 20.31
C GLU B 49 -25.12 18.03 20.90
N PHE B 50 -24.13 18.36 20.07
CA PHE B 50 -22.79 18.74 20.57
C PHE B 50 -22.79 20.13 21.23
N VAL B 51 -22.00 20.28 22.29
CA VAL B 51 -21.88 21.57 22.96
C VAL B 51 -20.45 22.13 22.83
N ALA B 52 -19.43 21.40 23.30
CA ALA B 52 -18.06 21.92 23.29
C ALA B 52 -17.00 20.81 23.44
N SER B 53 -15.73 21.10 23.14
CA SER B 53 -14.66 20.13 23.33
C SER B 53 -13.30 20.83 23.50
N ILE B 54 -12.35 20.19 24.20
CA ILE B 54 -11.02 20.77 24.42
C ILE B 54 -10.02 19.76 24.07
N SER B 55 -9.00 20.19 23.31
CA SER B 55 -7.87 19.36 22.94
C SER B 55 -7.09 18.89 24.21
N TRP B 56 -6.23 17.86 24.12
CA TRP B 56 -5.44 17.46 25.30
C TRP B 56 -4.42 18.50 25.64
N ASN B 57 -3.84 19.21 24.65
CA ASN B 57 -2.93 20.31 24.96
C ASN B 57 -3.68 21.58 25.53
N GLY B 58 -5.01 21.54 25.52
CA GLY B 58 -5.90 22.58 26.03
C GLY B 58 -5.90 23.86 25.21
N ALA B 59 -5.31 23.83 23.99
CA ALA B 59 -5.20 25.01 23.15
C ALA B 59 -6.41 25.17 22.26
N ASN B 60 -6.84 24.07 21.65
CA ASN B 60 -7.95 24.10 20.74
C ASN B 60 -9.29 23.80 21.42
N THR B 61 -10.21 24.79 21.40
CA THR B 61 -11.53 24.59 21.99
C THR B 61 -12.57 24.74 20.93
N TYR B 62 -13.39 23.72 20.77
CA TYR B 62 -14.45 23.76 19.78
C TYR B 62 -15.77 23.99 20.45
N TYR B 63 -16.62 24.82 19.83
CA TYR B 63 -17.94 25.09 20.38
C TYR B 63 -18.98 24.99 19.31
N ALA B 64 -20.14 24.49 19.66
CA ALA B 64 -21.28 24.45 18.75
C ALA B 64 -21.74 25.88 18.43
N ASP B 65 -22.31 26.11 17.23
CA ASP B 65 -22.83 27.41 16.78
C ASP B 65 -23.80 28.02 17.79
N SER B 66 -24.65 27.17 18.42
CA SER B 66 -25.68 27.57 19.39
C SER B 66 -25.11 28.17 20.65
N VAL B 67 -23.98 27.61 21.12
CA VAL B 67 -23.38 28.09 22.37
C VAL B 67 -22.23 29.06 22.13
N LYS B 68 -21.58 29.03 20.95
CA LYS B 68 -20.43 29.85 20.58
C LYS B 68 -20.57 31.32 20.98
N GLY B 69 -19.63 31.75 21.81
CA GLY B 69 -19.60 33.12 22.31
C GLY B 69 -20.57 33.30 23.46
N ARG B 70 -20.66 32.26 24.34
CA ARG B 70 -21.55 32.21 25.51
C ARG B 70 -21.00 31.19 26.49
N PHE B 71 -20.65 30.01 26.00
CA PHE B 71 -20.07 28.97 26.86
C PHE B 71 -18.55 28.95 26.69
N THR B 72 -17.85 28.45 27.68
CA THR B 72 -16.39 28.32 27.64
C THR B 72 -16.03 26.98 28.20
N ILE B 73 -14.99 26.36 27.65
CA ILE B 73 -14.54 25.09 28.17
C ILE B 73 -13.08 25.20 28.63
N SER B 74 -12.78 24.54 29.74
CA SER B 74 -11.45 24.56 30.34
C SER B 74 -11.08 23.20 30.87
N ARG B 75 -9.80 22.86 30.86
CA ARG B 75 -9.32 21.55 31.27
C ARG B 75 -8.43 21.65 32.49
N ASP B 76 -8.09 20.50 33.09
CA ASP B 76 -7.17 20.47 34.21
C ASP B 76 -6.34 19.22 34.06
N ASN B 77 -5.33 19.22 33.17
CA ASN B 77 -4.49 18.02 32.99
C ASN B 77 -3.63 17.88 34.22
N ALA B 78 -4.12 17.14 35.22
CA ALA B 78 -3.55 16.83 36.53
C ALA B 78 -4.70 16.23 37.36
N LYS B 79 -5.87 16.87 37.31
CA LYS B 79 -7.06 16.35 37.97
C LYS B 79 -7.94 15.58 36.97
N ASN B 80 -7.68 15.70 35.64
CA ASN B 80 -8.41 15.09 34.54
C ASN B 80 -9.85 15.57 34.63
N THR B 81 -10.01 16.88 34.54
CA THR B 81 -11.33 17.48 34.70
C THR B 81 -11.65 18.50 33.63
N VAL B 82 -12.84 18.42 33.05
CA VAL B 82 -13.29 19.45 32.11
C VAL B 82 -14.31 20.32 32.76
N TYR B 83 -14.38 21.58 32.36
CA TYR B 83 -15.32 22.53 32.94
C TYR B 83 -16.12 23.25 31.86
N LEU B 84 -17.44 23.29 32.02
CA LEU B 84 -18.30 24.02 31.10
C LEU B 84 -18.87 25.24 31.82
N GLN B 85 -18.28 26.41 31.57
CA GLN B 85 -18.65 27.69 32.16
C GLN B 85 -19.71 28.30 31.28
N MET B 86 -20.96 27.95 31.52
CA MET B 86 -22.08 28.39 30.69
C MET B 86 -22.60 29.78 31.07
N ASN B 87 -21.97 30.84 30.56
CA ASN B 87 -22.38 32.21 30.89
C ASN B 87 -23.46 32.74 29.94
N SER B 88 -24.22 33.74 30.41
CA SER B 88 -25.31 34.39 29.69
C SER B 88 -26.28 33.42 29.01
N LEU B 89 -26.85 32.51 29.82
CA LEU B 89 -27.79 31.45 29.43
C LEU B 89 -29.12 31.91 28.85
N LYS B 90 -29.75 31.03 28.07
CA LYS B 90 -31.03 31.22 27.39
C LYS B 90 -32.01 30.10 27.77
N PRO B 91 -33.34 30.34 27.77
CA PRO B 91 -34.29 29.25 28.11
C PRO B 91 -34.13 28.00 27.22
N GLU B 92 -33.64 28.19 25.98
CA GLU B 92 -33.43 27.08 25.06
C GLU B 92 -32.16 26.24 25.38
N ASP B 93 -31.45 26.56 26.49
CA ASP B 93 -30.27 25.79 26.89
C ASP B 93 -30.57 24.68 27.92
N THR B 94 -31.84 24.55 28.35
CA THR B 94 -32.30 23.57 29.32
C THR B 94 -32.25 22.16 28.76
N ALA B 95 -31.28 21.34 29.22
CA ALA B 95 -31.10 19.96 28.75
C ALA B 95 -30.20 19.13 29.72
N VAL B 96 -30.06 17.80 29.51
CA VAL B 96 -29.18 16.99 30.35
C VAL B 96 -27.80 17.10 29.73
N TYR B 97 -26.78 17.56 30.47
CA TYR B 97 -25.45 17.71 29.88
C TYR B 97 -24.52 16.54 30.16
N TYR B 98 -24.14 15.86 29.09
CA TYR B 98 -23.28 14.70 29.14
C TYR B 98 -21.84 15.05 28.89
N CYS B 99 -21.00 14.52 29.74
CA CYS B 99 -19.57 14.62 29.59
C CYS B 99 -19.14 13.52 28.63
N ALA B 100 -18.17 13.80 27.76
N ALA B 100 -18.17 13.80 27.76
CA ALA B 100 -17.67 12.82 26.81
CA ALA B 100 -17.67 12.82 26.81
C ALA B 100 -16.15 12.89 26.72
C ALA B 100 -16.15 12.89 26.72
N ALA B 101 -15.51 11.75 26.44
CA ALA B 101 -14.05 11.70 26.31
C ALA B 101 -13.63 10.65 25.31
N ASP B 102 -12.64 10.94 24.46
CA ASP B 102 -12.14 9.97 23.50
C ASP B 102 -10.60 9.78 23.62
N PRO B 103 -10.10 8.55 23.78
CA PRO B 103 -8.64 8.36 23.98
C PRO B 103 -7.80 8.80 22.82
N GLU B 104 -8.35 8.74 21.58
CA GLU B 104 -7.63 9.02 20.34
C GLU B 104 -8.23 10.11 19.41
N SER B 105 -9.48 9.99 18.94
CA SER B 105 -10.00 10.93 17.93
C SER B 105 -10.79 12.14 18.41
N HIS B 106 -10.34 13.35 18.04
CA HIS B 106 -11.09 14.58 18.34
C HIS B 106 -12.32 14.65 17.43
N VAL B 107 -12.15 14.33 16.14
CA VAL B 107 -13.21 14.26 15.15
C VAL B 107 -14.33 13.31 15.62
N ARG B 108 -13.99 12.08 16.04
CA ARG B 108 -14.98 11.09 16.53
C ARG B 108 -15.77 11.67 17.69
N LEU B 109 -15.06 12.26 18.67
CA LEU B 109 -15.65 12.89 19.83
C LEU B 109 -16.63 14.00 19.41
N ARG B 110 -16.22 14.90 18.50
CA ARG B 110 -17.00 16.02 17.97
C ARG B 110 -18.29 15.55 17.27
N LEU B 111 -18.23 14.36 16.64
CA LEU B 111 -19.37 13.83 15.89
C LEU B 111 -20.33 12.95 16.69
N GLY B 112 -20.20 12.95 18.01
CA GLY B 112 -21.01 12.09 18.86
C GLY B 112 -20.63 10.63 18.82
N VAL B 113 -19.47 10.31 18.25
CA VAL B 113 -18.99 8.93 18.12
C VAL B 113 -17.84 8.66 19.10
N GLY B 114 -17.90 9.29 20.26
CA GLY B 114 -16.89 9.11 21.28
C GLY B 114 -17.06 7.77 21.97
N ALA B 115 -15.98 7.24 22.56
CA ALA B 115 -16.04 5.96 23.26
C ALA B 115 -16.70 6.09 24.63
N TYR B 116 -16.33 7.13 25.40
CA TYR B 116 -16.79 7.28 26.79
C TYR B 116 -17.78 8.41 27.06
N TRP B 117 -18.78 8.15 27.91
CA TRP B 117 -19.79 9.15 28.25
C TRP B 117 -20.17 9.11 29.73
N GLY B 118 -20.61 10.24 30.27
CA GLY B 118 -21.00 10.33 31.67
C GLY B 118 -22.47 10.11 31.90
N ARG B 119 -22.87 10.09 33.19
CA ARG B 119 -24.23 9.89 33.69
C ARG B 119 -25.22 10.93 33.11
N GLY B 120 -24.77 12.17 33.05
CA GLY B 120 -25.58 13.27 32.57
C GLY B 120 -26.13 14.04 33.74
N THR B 121 -26.11 15.38 33.68
CA THR B 121 -26.64 16.20 34.76
C THR B 121 -27.54 17.29 34.23
N GLN B 122 -28.82 17.27 34.64
CA GLN B 122 -29.83 18.22 34.21
C GLN B 122 -29.53 19.67 34.57
N VAL B 123 -29.61 20.56 33.56
CA VAL B 123 -29.43 22.00 33.72
C VAL B 123 -30.76 22.67 33.37
N THR B 124 -31.39 23.33 34.34
CA THR B 124 -32.69 23.96 34.12
C THR B 124 -32.59 25.48 34.08
N VAL B 125 -32.70 26.06 32.88
CA VAL B 125 -32.68 27.52 32.72
C VAL B 125 -34.12 27.98 32.62
N SER B 126 -34.62 28.66 33.65
CA SER B 126 -36.00 29.10 33.69
C SER B 126 -36.18 30.60 33.38
N SER B 127 -37.13 30.92 32.48
CA SER B 127 -37.46 32.29 32.07
C SER B 127 -37.84 33.20 33.26
N GLN C 1 15.14 1.57 -34.35
CA GLN C 1 15.62 0.88 -33.15
C GLN C 1 15.68 -0.64 -33.49
N VAL C 2 15.01 -1.55 -32.72
CA VAL C 2 15.04 -3.00 -32.98
C VAL C 2 13.85 -3.41 -33.88
N GLN C 3 14.14 -4.24 -34.88
CA GLN C 3 13.15 -4.68 -35.85
C GLN C 3 13.09 -6.20 -35.92
N LEU C 4 11.87 -6.78 -36.07
CA LEU C 4 11.68 -8.21 -36.22
C LEU C 4 10.94 -8.47 -37.52
N VAL C 5 11.44 -9.40 -38.34
CA VAL C 5 10.83 -9.72 -39.63
C VAL C 5 10.58 -11.21 -39.78
N GLU C 6 9.32 -11.63 -39.64
CA GLU C 6 8.98 -13.04 -39.82
C GLU C 6 8.67 -13.31 -41.27
N SER C 7 8.93 -14.56 -41.68
CA SER C 7 8.71 -15.08 -43.02
C SER C 7 8.72 -16.61 -42.97
N GLY C 8 8.28 -17.27 -44.03
CA GLY C 8 8.27 -18.72 -44.08
C GLY C 8 6.89 -19.34 -44.03
N GLY C 9 5.93 -18.60 -43.48
CA GLY C 9 4.55 -19.06 -43.36
C GLY C 9 3.72 -18.89 -44.64
N GLY C 10 2.65 -19.66 -44.73
CA GLY C 10 1.71 -19.64 -45.84
C GLY C 10 0.66 -20.74 -45.70
N LEU C 11 0.06 -21.17 -46.82
CA LEU C 11 -0.94 -22.23 -46.78
C LEU C 11 -0.27 -23.60 -46.91
N VAL C 12 -0.69 -24.53 -46.07
CA VAL C 12 -0.18 -25.88 -46.03
C VAL C 12 -1.33 -26.83 -45.67
N GLN C 13 -1.22 -28.07 -46.07
CA GLN C 13 -2.24 -29.08 -45.84
C GLN C 13 -1.95 -29.81 -44.55
N ALA C 14 -3.02 -30.20 -43.81
CA ALA C 14 -2.94 -30.94 -42.56
C ALA C 14 -1.91 -32.07 -42.58
N GLY C 15 -1.08 -32.12 -41.57
CA GLY C 15 -0.02 -33.12 -41.46
C GLY C 15 1.34 -32.67 -41.95
N GLY C 16 1.39 -31.52 -42.61
CA GLY C 16 2.62 -30.99 -43.18
C GLY C 16 3.63 -30.42 -42.20
N SER C 17 4.58 -29.68 -42.75
CA SER C 17 5.65 -29.06 -41.98
C SER C 17 5.95 -27.67 -42.53
N LEU C 18 6.51 -26.83 -41.70
CA LEU C 18 6.90 -25.48 -42.08
C LEU C 18 8.13 -25.10 -41.30
N ARG C 19 8.95 -24.22 -41.86
CA ARG C 19 10.11 -23.74 -41.17
C ARG C 19 9.98 -22.24 -41.19
N LEU C 20 9.43 -21.72 -40.10
CA LEU C 20 9.21 -20.30 -39.91
C LEU C 20 10.53 -19.66 -39.54
N SER C 21 10.79 -18.44 -40.02
CA SER C 21 12.02 -17.74 -39.70
C SER C 21 11.76 -16.35 -39.11
N CYS C 22 12.79 -15.73 -38.52
CA CYS C 22 12.68 -14.43 -37.90
C CYS C 22 14.00 -13.69 -38.00
N ALA C 23 14.04 -12.60 -38.77
CA ALA C 23 15.27 -11.83 -38.97
C ALA C 23 15.42 -10.68 -38.01
N ALA C 24 16.30 -10.86 -37.01
CA ALA C 24 16.57 -9.86 -35.99
C ALA C 24 17.46 -8.72 -36.48
N SER C 25 17.10 -7.50 -36.07
CA SER C 25 17.81 -6.26 -36.40
C SER C 25 17.88 -5.40 -35.11
N GLY C 26 19.03 -4.82 -34.85
CA GLY C 26 19.23 -4.02 -33.66
C GLY C 26 19.75 -4.77 -32.44
N PHE C 27 19.78 -6.12 -32.50
CA PHE C 27 20.24 -6.89 -31.33
C PHE C 27 20.80 -8.26 -31.70
N PRO C 28 21.69 -8.86 -30.87
CA PRO C 28 22.17 -10.21 -31.17
C PRO C 28 21.18 -11.27 -30.64
N VAL C 29 20.84 -12.30 -31.43
CA VAL C 29 19.88 -13.32 -30.96
C VAL C 29 20.47 -14.23 -29.89
N TYR C 30 21.79 -14.47 -29.94
CA TYR C 30 22.47 -15.31 -28.96
C TYR C 30 22.60 -14.64 -27.57
N ARG C 31 22.38 -13.33 -27.50
CA ARG C 31 22.43 -12.60 -26.24
C ARG C 31 21.07 -12.57 -25.57
N ASN C 32 19.98 -12.66 -26.33
CA ASN C 32 18.64 -12.58 -25.75
C ASN C 32 17.87 -13.88 -25.76
N ARG C 33 16.87 -13.99 -24.87
CA ARG C 33 15.97 -15.13 -24.82
C ARG C 33 14.89 -14.87 -25.87
N MET C 34 14.84 -15.68 -26.93
CA MET C 34 13.89 -15.46 -28.01
C MET C 34 12.62 -16.28 -27.90
N HIS C 35 11.50 -15.66 -28.21
CA HIS C 35 10.18 -16.26 -28.08
C HIS C 35 9.46 -16.35 -29.40
N TRP C 36 8.47 -17.24 -29.49
CA TRP C 36 7.56 -17.34 -30.62
C TRP C 36 6.18 -17.33 -29.99
N TYR C 37 5.24 -16.66 -30.64
CA TYR C 37 3.86 -16.51 -30.21
C TYR C 37 2.95 -16.70 -31.44
N ARG C 38 1.66 -16.97 -31.22
CA ARG C 38 0.70 -17.12 -32.30
C ARG C 38 -0.66 -16.48 -31.95
N GLN C 39 -1.41 -15.97 -32.94
CA GLN C 39 -2.70 -15.34 -32.68
C GLN C 39 -3.76 -15.81 -33.69
N ALA C 40 -4.73 -16.62 -33.23
CA ALA C 40 -5.80 -17.08 -34.11
C ALA C 40 -6.88 -15.97 -34.20
N PRO C 41 -7.67 -15.92 -35.28
CA PRO C 41 -8.66 -14.83 -35.42
C PRO C 41 -9.68 -14.72 -34.30
N GLY C 42 -9.68 -13.58 -33.61
CA GLY C 42 -10.62 -13.34 -32.52
C GLY C 42 -10.09 -13.73 -31.15
N LYS C 43 -9.36 -14.87 -31.10
CA LYS C 43 -8.76 -15.39 -29.87
C LYS C 43 -7.52 -14.58 -29.50
N GLU C 44 -7.11 -14.64 -28.22
CA GLU C 44 -5.98 -13.88 -27.73
C GLU C 44 -4.61 -14.54 -28.06
N ARG C 45 -3.54 -13.72 -28.12
CA ARG C 45 -2.14 -14.13 -28.37
C ARG C 45 -1.76 -15.30 -27.48
N GLU C 46 -1.08 -16.29 -28.02
CA GLU C 46 -0.68 -17.48 -27.28
C GLU C 46 0.81 -17.67 -27.39
N TRP C 47 1.51 -17.72 -26.27
CA TRP C 47 2.95 -17.97 -26.27
C TRP C 47 3.16 -19.40 -26.76
N VAL C 48 4.10 -19.61 -27.68
CA VAL C 48 4.32 -20.94 -28.25
C VAL C 48 5.65 -21.55 -27.87
N ALA C 49 6.76 -20.80 -28.02
CA ALA C 49 8.07 -21.39 -27.76
C ALA C 49 9.12 -20.38 -27.31
N ALA C 50 10.21 -20.84 -26.67
CA ALA C 50 11.26 -19.96 -26.22
C ALA C 50 12.62 -20.65 -26.23
N ILE C 51 13.67 -19.88 -26.49
CA ILE C 51 15.05 -20.35 -26.49
C ILE C 51 15.84 -19.42 -25.55
N GLU C 52 16.62 -20.01 -24.61
CA GLU C 52 17.41 -19.32 -23.58
C GLU C 52 18.35 -18.24 -24.12
N SER C 53 18.83 -17.34 -23.26
CA SER C 53 19.73 -16.27 -23.69
C SER C 53 21.06 -16.76 -24.27
N ALA C 54 21.95 -17.37 -23.48
CA ALA C 54 23.25 -17.82 -24.00
C ALA C 54 23.39 -19.35 -24.04
N GLY C 55 22.34 -20.02 -24.51
CA GLY C 55 22.36 -21.48 -24.57
C GLY C 55 21.30 -22.08 -25.47
N GLN C 56 21.21 -23.41 -25.44
CA GLN C 56 20.27 -24.17 -26.26
C GLN C 56 19.04 -24.69 -25.48
N GLU C 57 18.76 -24.12 -24.28
CA GLU C 57 17.61 -24.59 -23.50
C GLU C 57 16.33 -24.01 -24.06
N THR C 58 15.35 -24.89 -24.26
CA THR C 58 14.12 -24.53 -24.93
C THR C 58 12.88 -24.83 -24.12
N HIS C 59 11.79 -24.12 -24.42
CA HIS C 59 10.54 -24.33 -23.70
C HIS C 59 9.37 -24.18 -24.65
N TYR C 60 8.39 -25.09 -24.59
CA TYR C 60 7.24 -25.02 -25.50
C TYR C 60 5.92 -25.14 -24.77
N ALA C 61 4.87 -24.54 -25.37
CA ALA C 61 3.49 -24.65 -24.92
C ALA C 61 3.08 -26.13 -25.03
N ASP C 62 2.25 -26.65 -24.10
CA ASP C 62 1.85 -28.06 -24.17
C ASP C 62 1.12 -28.41 -25.45
N SER C 63 0.47 -27.43 -26.08
CA SER C 63 -0.21 -27.63 -27.36
C SER C 63 0.75 -27.98 -28.50
N VAL C 64 2.02 -27.57 -28.40
CA VAL C 64 2.98 -27.82 -29.48
C VAL C 64 4.18 -28.68 -29.10
N LYS C 65 4.39 -28.97 -27.80
CA LYS C 65 5.50 -29.83 -27.32
C LYS C 65 5.53 -31.14 -28.12
N GLY C 66 6.62 -31.40 -28.83
CA GLY C 66 6.75 -32.61 -29.62
C GLY C 66 6.61 -32.41 -31.12
N ARG C 67 5.94 -31.34 -31.51
CA ARG C 67 5.73 -31.07 -32.93
C ARG C 67 6.57 -29.89 -33.40
N PHE C 68 6.68 -28.86 -32.55
CA PHE C 68 7.41 -27.63 -32.86
C PHE C 68 8.80 -27.64 -32.24
N THR C 69 9.71 -26.91 -32.86
CA THR C 69 11.09 -26.84 -32.40
C THR C 69 11.65 -25.44 -32.64
N ILE C 70 12.29 -24.88 -31.61
CA ILE C 70 12.92 -23.58 -31.75
C ILE C 70 14.44 -23.75 -31.71
N SER C 71 15.08 -23.04 -32.59
CA SER C 71 16.52 -23.07 -32.78
C SER C 71 16.93 -21.70 -33.27
N ARG C 72 18.24 -21.40 -33.23
CA ARG C 72 18.71 -20.12 -33.74
C ARG C 72 20.04 -20.28 -34.47
N ASP C 73 20.16 -19.58 -35.59
CA ASP C 73 21.39 -19.59 -36.35
C ASP C 73 22.10 -18.32 -35.92
N ASN C 74 23.20 -18.51 -35.20
CA ASN C 74 24.03 -17.42 -34.69
C ASN C 74 24.66 -16.72 -35.88
N ALA C 75 25.21 -17.51 -36.82
CA ALA C 75 25.84 -16.95 -38.02
C ALA C 75 24.84 -16.35 -39.01
N LYS C 76 23.57 -16.16 -38.63
CA LYS C 76 22.56 -15.53 -39.48
C LYS C 76 21.72 -14.50 -38.71
N ASN C 77 21.83 -14.45 -37.36
CA ASN C 77 21.07 -13.58 -36.45
C ASN C 77 19.58 -13.84 -36.64
N THR C 78 19.21 -15.13 -36.73
CA THR C 78 17.81 -15.50 -36.95
C THR C 78 17.36 -16.63 -36.05
N VAL C 79 16.08 -16.62 -35.71
CA VAL C 79 15.46 -17.65 -34.89
C VAL C 79 14.47 -18.42 -35.78
N TYR C 80 14.33 -19.73 -35.53
CA TYR C 80 13.48 -20.57 -36.36
C TYR C 80 12.40 -21.27 -35.58
N LEU C 81 11.30 -21.60 -36.25
CA LEU C 81 10.24 -22.39 -35.67
C LEU C 81 9.92 -23.56 -36.60
N GLN C 82 10.73 -24.64 -36.52
CA GLN C 82 10.46 -25.83 -37.32
C GLN C 82 9.20 -26.48 -36.75
N MET C 83 8.09 -26.30 -37.45
CA MET C 83 6.80 -26.80 -37.02
C MET C 83 6.33 -28.03 -37.83
N ASN C 84 6.50 -29.22 -37.28
CA ASN C 84 6.09 -30.47 -37.94
C ASN C 84 4.69 -30.93 -37.46
N SER C 85 4.08 -31.87 -38.19
CA SER C 85 2.78 -32.46 -37.84
C SER C 85 1.68 -31.42 -37.66
N LEU C 86 1.66 -30.42 -38.52
CA LEU C 86 0.69 -29.34 -38.43
C LEU C 86 -0.76 -29.80 -38.50
N LYS C 87 -1.64 -29.12 -37.78
CA LYS C 87 -3.07 -29.44 -37.75
C LYS C 87 -3.85 -28.15 -38.02
N PRO C 88 -5.06 -28.21 -38.59
CA PRO C 88 -5.86 -27.00 -38.78
C PRO C 88 -6.03 -26.12 -37.55
N GLU C 89 -5.85 -26.71 -36.35
CA GLU C 89 -5.88 -26.03 -35.04
C GLU C 89 -4.80 -24.92 -35.01
N ASP C 90 -3.58 -25.24 -35.50
CA ASP C 90 -2.39 -24.38 -35.52
C ASP C 90 -2.46 -23.17 -36.42
N THR C 91 -3.56 -22.96 -37.17
CA THR C 91 -3.71 -21.77 -38.00
C THR C 91 -3.66 -20.50 -37.12
N ALA C 92 -2.75 -19.57 -37.47
CA ALA C 92 -2.56 -18.32 -36.74
C ALA C 92 -1.51 -17.42 -37.44
N VAL C 93 -1.43 -16.14 -37.03
CA VAL C 93 -0.39 -15.24 -37.47
C VAL C 93 0.73 -15.49 -36.47
N TYR C 94 1.87 -16.01 -36.91
CA TYR C 94 2.98 -16.31 -35.99
C TYR C 94 3.93 -15.15 -35.84
N TYR C 95 4.15 -14.72 -34.61
CA TYR C 95 5.01 -13.61 -34.29
C TYR C 95 6.19 -14.09 -33.56
N CYS C 96 7.39 -13.68 -33.96
CA CYS C 96 8.56 -13.97 -33.13
C CYS C 96 8.65 -12.78 -32.19
N ASN C 97 9.14 -13.02 -31.00
CA ASN C 97 9.16 -12.03 -29.95
C ASN C 97 10.47 -11.99 -29.18
N VAL C 98 10.83 -10.79 -28.76
CA VAL C 98 11.94 -10.48 -27.88
C VAL C 98 11.38 -9.44 -26.93
N LYS C 99 11.94 -9.40 -25.74
CA LYS C 99 11.48 -8.45 -24.75
C LYS C 99 12.64 -7.81 -24.01
N ASP C 100 12.30 -6.71 -23.33
CA ASP C 100 13.21 -6.02 -22.42
C ASP C 100 12.55 -6.29 -21.09
N GLU C 101 12.94 -7.43 -20.48
CA GLU C 101 12.46 -7.90 -19.18
C GLU C 101 12.75 -6.80 -18.15
N GLY C 102 11.77 -6.47 -17.33
CA GLY C 102 11.91 -5.37 -16.40
C GLY C 102 11.48 -5.59 -14.98
N TRP C 103 12.38 -6.20 -14.17
CA TRP C 103 12.34 -6.46 -12.70
C TRP C 103 11.02 -6.04 -11.96
N TYR C 104 10.82 -4.77 -11.74
CA TYR C 104 9.58 -4.22 -11.24
C TYR C 104 9.15 -3.30 -12.38
N TRP C 105 7.86 -2.95 -12.47
CA TRP C 105 7.39 -2.08 -13.55
C TRP C 105 7.49 -2.79 -14.97
N GLN C 106 6.48 -2.56 -15.81
CA GLN C 106 6.13 -3.20 -17.08
C GLN C 106 7.26 -3.63 -18.07
N THR C 107 7.31 -4.94 -18.41
CA THR C 107 8.27 -5.43 -19.41
C THR C 107 7.82 -5.03 -20.82
N TYR C 108 8.77 -4.58 -21.65
CA TYR C 108 8.50 -4.11 -23.01
C TYR C 108 8.61 -5.22 -24.06
N ASP C 109 7.49 -5.55 -24.70
CA ASP C 109 7.44 -6.59 -25.70
C ASP C 109 7.66 -6.05 -27.12
N TYR C 110 8.63 -6.63 -27.83
CA TYR C 110 8.93 -6.27 -29.21
C TYR C 110 8.37 -7.34 -30.14
N TRP C 111 7.56 -6.93 -31.13
CA TRP C 111 6.92 -7.84 -32.07
C TRP C 111 7.28 -7.61 -33.52
N GLY C 112 7.15 -8.66 -34.31
CA GLY C 112 7.26 -8.53 -35.75
C GLY C 112 5.87 -8.32 -36.33
N GLN C 113 5.77 -8.27 -37.67
CA GLN C 113 4.46 -8.10 -38.32
C GLN C 113 3.63 -9.41 -38.35
N GLY C 114 4.30 -10.55 -38.22
CA GLY C 114 3.70 -11.86 -38.24
C GLY C 114 3.65 -12.45 -39.63
N THR C 115 3.48 -13.78 -39.70
CA THR C 115 3.33 -14.50 -40.96
C THR C 115 2.13 -15.39 -40.75
N GLN C 116 1.17 -15.33 -41.67
CA GLN C 116 -0.02 -16.16 -41.57
C GLN C 116 0.31 -17.60 -41.95
N VAL C 117 0.02 -18.52 -41.06
CA VAL C 117 0.18 -19.94 -41.31
C VAL C 117 -1.23 -20.47 -41.32
N THR C 118 -1.66 -21.01 -42.45
CA THR C 118 -3.00 -21.56 -42.55
C THR C 118 -2.86 -23.05 -42.90
N VAL C 119 -3.45 -23.90 -42.07
CA VAL C 119 -3.41 -25.37 -42.20
C VAL C 119 -4.82 -25.84 -42.51
N SER C 120 -4.96 -26.63 -43.59
CA SER C 120 -6.27 -27.08 -44.03
C SER C 120 -6.41 -28.60 -44.10
N ALA C 121 -7.48 -29.14 -43.50
CA ALA C 121 -7.78 -30.58 -43.45
C ALA C 121 -8.22 -31.15 -44.80
#